data_2EBN
#
_entry.id   2EBN
#
_cell.length_a   70.640
_cell.length_b   70.640
_cell.length_c   103.310
_cell.angle_alpha   90.00
_cell.angle_beta   90.00
_cell.angle_gamma   120.00
#
_symmetry.space_group_name_H-M   'P 61'
#
loop_
_entity.id
_entity.type
_entity.pdbx_description
1 polymer 'ENDO-BETA-N-ACETYLGLUCOSAMINIDASE F1'
2 non-polymer 'ZINC ION'
3 water water
#
_entity_poly.entity_id   1
_entity_poly.type   'polypeptide(L)'
_entity_poly.pdbx_seq_one_letter_code
;AVTGTTKANIKLFSFTEVNDTNPLNNLNFTLKNSGKPLVDMVVLFSANINYDAANDKVFVSNNPNVQHLLTNRAKYLKPL
QDKGIKVILSILGNHDRSGIANLSTARAKAFAQELKNTCDLYNLDGVFFDDEYSAYQTPPPSGFVTPSNNAAARLAYETK
QAMPNKLVTVYVYSRTSSFPTAVDGVNAGSYVDYAIHDYGGSYDLATNYPGLAKSGMVMSSQEFNQGRYATAQALRNIVT
KGYGGHMIFAMDPNRSNFTSGQLPALKLIAKELYGDELVYSNTPYSKDW
;
_entity_poly.pdbx_strand_id   A
#
loop_
_chem_comp.id
_chem_comp.type
_chem_comp.name
_chem_comp.formula
ZN non-polymer 'ZINC ION' 'Zn 2'
#
# COMPACT_ATOMS: atom_id res chain seq x y z
N THR A 5 13.66 21.59 -10.69
CA THR A 5 12.66 22.71 -10.54
C THR A 5 11.37 22.13 -9.94
N THR A 6 10.71 21.24 -10.68
CA THR A 6 9.46 20.57 -10.20
C THR A 6 9.69 19.08 -10.12
N LYS A 7 8.96 18.33 -9.30
CA LYS A 7 9.18 16.86 -9.19
C LYS A 7 8.35 16.09 -10.21
N ALA A 8 8.94 15.16 -10.93
CA ALA A 8 8.27 14.35 -11.94
C ALA A 8 7.04 13.66 -11.34
N ASN A 9 6.06 13.43 -12.21
CA ASN A 9 4.78 12.86 -11.78
C ASN A 9 4.79 11.34 -11.77
N ILE A 10 5.73 10.81 -11.01
CA ILE A 10 5.89 9.38 -10.78
C ILE A 10 5.83 9.27 -9.24
N LYS A 11 4.88 8.55 -8.73
CA LYS A 11 4.71 8.43 -7.29
C LYS A 11 5.62 7.36 -6.68
N LEU A 12 6.34 7.71 -5.63
CA LEU A 12 7.12 6.70 -4.92
C LEU A 12 6.34 6.27 -3.65
N PHE A 13 5.98 4.99 -3.59
CA PHE A 13 5.31 4.32 -2.50
C PHE A 13 6.39 3.68 -1.60
N SER A 14 6.24 3.98 -0.33
CA SER A 14 7.14 3.46 0.71
C SER A 14 6.29 2.74 1.77
N PHE A 15 6.51 1.42 1.84
CA PHE A 15 5.84 0.54 2.80
C PHE A 15 6.74 0.47 4.04
N THR A 16 6.23 0.85 5.18
CA THR A 16 6.94 0.84 6.45
C THR A 16 6.37 -0.31 7.31
N GLU A 17 7.28 -1.20 7.71
CA GLU A 17 6.91 -2.34 8.56
C GLU A 17 6.87 -1.74 9.96
N VAL A 18 5.67 -1.44 10.42
CA VAL A 18 5.45 -0.80 11.71
C VAL A 18 5.93 -1.59 12.92
N ASN A 19 6.15 -2.86 12.78
CA ASN A 19 6.61 -3.66 13.92
C ASN A 19 8.09 -3.31 14.21
N ASP A 20 8.81 -2.92 13.21
CA ASP A 20 10.22 -2.59 13.20
C ASP A 20 10.69 -1.15 13.07
N THR A 21 9.99 -0.34 12.27
CA THR A 21 10.42 1.01 11.96
C THR A 21 9.41 2.12 12.15
N ASN A 22 9.98 3.26 12.54
CA ASN A 22 9.27 4.52 12.73
C ASN A 22 9.03 5.12 11.36
N PRO A 23 7.76 5.39 11.01
CA PRO A 23 7.42 5.98 9.71
C PRO A 23 8.00 7.36 9.47
N LEU A 24 8.39 8.08 10.51
CA LEU A 24 8.99 9.45 10.31
C LEU A 24 10.28 9.37 9.51
N ASN A 25 10.91 8.19 9.45
CA ASN A 25 12.11 8.00 8.62
C ASN A 25 11.84 8.38 7.18
N ASN A 26 10.57 8.35 6.75
CA ASN A 26 10.21 8.73 5.38
C ASN A 26 10.47 10.23 5.13
N LEU A 27 10.66 10.99 6.19
CA LEU A 27 10.95 12.43 5.98
C LEU A 27 12.41 12.71 5.66
N ASN A 28 13.34 11.83 5.93
CA ASN A 28 14.76 12.01 5.76
C ASN A 28 15.32 12.09 4.36
N PHE A 29 14.54 11.91 3.33
CA PHE A 29 14.99 11.91 1.94
C PHE A 29 14.30 13.02 1.14
N THR A 30 15.13 13.86 0.56
CA THR A 30 14.65 15.00 -0.25
C THR A 30 15.31 15.00 -1.59
N LEU A 31 14.76 15.66 -2.56
CA LEU A 31 15.27 15.82 -3.91
C LEU A 31 15.95 17.19 -3.95
N LYS A 32 17.24 17.20 -4.22
CA LYS A 32 18.02 18.45 -4.22
C LYS A 32 17.43 19.61 -5.00
N ASN A 33 17.21 19.50 -6.29
CA ASN A 33 16.70 20.53 -7.18
C ASN A 33 15.28 21.01 -6.96
N SER A 34 14.36 20.05 -6.82
CA SER A 34 12.93 20.38 -6.63
C SER A 34 12.65 20.73 -5.17
N GLY A 35 13.52 20.26 -4.27
CA GLY A 35 13.33 20.47 -2.84
C GLY A 35 12.21 19.61 -2.25
N LYS A 36 11.52 18.83 -3.05
CA LYS A 36 10.42 17.95 -2.58
C LYS A 36 10.87 16.66 -1.94
N PRO A 37 10.02 16.07 -1.09
CA PRO A 37 10.29 14.77 -0.48
C PRO A 37 10.34 13.73 -1.60
N LEU A 38 11.21 12.72 -1.42
CA LEU A 38 11.34 11.63 -2.38
C LEU A 38 10.09 10.73 -2.35
N VAL A 39 9.62 10.51 -1.15
CA VAL A 39 8.45 9.63 -0.91
C VAL A 39 7.14 10.37 -1.10
N ASP A 40 6.22 9.79 -1.82
CA ASP A 40 4.89 10.37 -2.07
C ASP A 40 3.81 9.74 -1.18
N MET A 41 3.89 8.45 -0.92
CA MET A 41 2.88 7.73 -0.13
C MET A 41 3.55 6.74 0.82
N VAL A 42 3.07 6.79 2.04
CA VAL A 42 3.57 5.85 3.04
C VAL A 42 2.43 4.83 3.30
N VAL A 43 2.81 3.57 3.30
CA VAL A 43 1.83 2.52 3.59
C VAL A 43 2.24 1.96 4.94
N LEU A 44 1.35 2.00 5.89
CA LEU A 44 1.60 1.42 7.22
C LEU A 44 1.28 -0.08 7.10
N PHE A 45 2.35 -0.86 7.16
CA PHE A 45 2.21 -2.35 7.03
C PHE A 45 2.35 -3.02 8.38
N SER A 46 1.29 -3.55 8.97
CA SER A 46 -0.07 -3.58 8.42
C SER A 46 -1.10 -3.82 9.53
N ALA A 47 -2.31 -3.37 9.24
CA ALA A 47 -3.44 -3.69 10.13
C ALA A 47 -3.95 -5.04 9.51
N ASN A 48 -4.90 -5.62 10.23
CA ASN A 48 -5.49 -6.92 9.88
C ASN A 48 -7.03 -6.96 9.78
N ILE A 49 -7.48 -7.99 9.10
CA ILE A 49 -8.89 -8.33 8.98
C ILE A 49 -9.07 -9.54 9.95
N ASN A 50 -10.01 -9.46 10.86
CA ASN A 50 -10.31 -10.53 11.82
C ASN A 50 -11.84 -10.69 11.97
N TYR A 51 -12.19 -11.87 12.47
CA TYR A 51 -13.58 -12.25 12.70
C TYR A 51 -13.93 -12.40 14.19
N ASP A 52 -15.00 -11.73 14.57
CA ASP A 52 -15.57 -11.75 15.94
C ASP A 52 -16.75 -12.73 15.84
N ALA A 53 -16.55 -13.91 16.39
CA ALA A 53 -17.53 -14.99 16.35
C ALA A 53 -18.79 -14.68 17.13
N ALA A 54 -18.66 -13.90 18.17
CA ALA A 54 -19.77 -13.51 19.02
C ALA A 54 -20.84 -12.74 18.25
N ASN A 55 -20.38 -11.65 17.64
CA ASN A 55 -21.27 -10.75 16.89
C ASN A 55 -21.21 -11.05 15.40
N ASP A 56 -20.56 -12.16 15.08
CA ASP A 56 -20.43 -12.56 13.65
C ASP A 56 -20.09 -11.31 12.84
N LYS A 57 -19.07 -10.60 13.28
CA LYS A 57 -18.65 -9.38 12.62
C LYS A 57 -17.18 -9.43 12.17
N VAL A 58 -16.93 -8.95 10.98
CA VAL A 58 -15.52 -8.84 10.45
C VAL A 58 -15.08 -7.44 10.86
N PHE A 59 -13.89 -7.27 11.38
CA PHE A 59 -13.40 -5.98 11.85
C PHE A 59 -11.93 -5.72 11.56
N VAL A 60 -11.56 -4.45 11.68
CA VAL A 60 -10.15 -4.01 11.45
C VAL A 60 -9.45 -4.22 12.80
N SER A 61 -8.52 -5.10 12.81
CA SER A 61 -7.76 -5.45 14.02
C SER A 61 -6.37 -4.82 13.96
N ASN A 62 -6.03 -3.95 14.89
CA ASN A 62 -4.69 -3.32 14.86
C ASN A 62 -3.84 -3.90 16.01
N ASN A 63 -2.68 -4.40 15.66
CA ASN A 63 -1.72 -4.94 16.66
C ASN A 63 -1.26 -3.72 17.49
N PRO A 64 -0.59 -3.96 18.59
CA PRO A 64 -0.11 -2.86 19.44
C PRO A 64 0.74 -1.84 18.72
N ASN A 65 1.56 -2.22 17.77
CA ASN A 65 2.43 -1.30 17.03
C ASN A 65 1.61 -0.37 16.13
N VAL A 66 0.66 -0.95 15.37
CA VAL A 66 -0.16 -0.07 14.52
C VAL A 66 -0.96 0.91 15.40
N GLN A 67 -1.54 0.33 16.45
CA GLN A 67 -2.41 1.12 17.35
C GLN A 67 -1.67 2.33 17.92
N HIS A 68 -0.43 2.04 18.30
CA HIS A 68 0.44 3.06 18.89
C HIS A 68 0.56 4.27 17.99
N LEU A 69 0.79 4.02 16.70
CA LEU A 69 0.96 5.08 15.71
C LEU A 69 -0.34 5.79 15.42
N LEU A 70 -1.44 5.03 15.42
CA LEU A 70 -2.76 5.64 15.10
C LEU A 70 -3.17 6.54 16.25
N THR A 71 -2.99 5.99 17.44
CA THR A 71 -3.30 6.71 18.67
C THR A 71 -2.55 8.04 18.78
N ASN A 72 -1.28 7.98 18.49
CA ASN A 72 -0.35 9.10 18.48
C ASN A 72 -0.12 9.65 17.09
N ARG A 73 -1.11 9.73 16.23
CA ARG A 73 -0.99 10.19 14.85
C ARG A 73 -0.46 11.59 14.67
N ALA A 74 -0.65 12.48 15.61
CA ALA A 74 -0.16 13.89 15.54
C ALA A 74 1.36 13.89 15.60
N LYS A 75 1.93 12.91 16.24
CA LYS A 75 3.36 12.70 16.38
C LYS A 75 3.99 11.94 15.20
N TYR A 76 3.36 10.82 14.83
CA TYR A 76 3.89 9.98 13.77
C TYR A 76 3.34 10.13 12.39
N LEU A 77 2.11 10.51 12.17
CA LEU A 77 1.53 10.63 10.85
C LEU A 77 1.33 12.06 10.38
N LYS A 78 0.89 12.95 11.25
CA LYS A 78 0.69 14.35 10.80
C LYS A 78 1.85 14.99 10.14
N PRO A 79 3.09 14.86 10.62
CA PRO A 79 4.27 15.42 9.95
C PRO A 79 4.43 14.97 8.51
N LEU A 80 4.03 13.71 8.21
CA LEU A 80 4.12 13.24 6.81
C LEU A 80 3.10 13.98 5.95
N GLN A 81 1.86 13.98 6.48
CA GLN A 81 0.70 14.63 5.79
C GLN A 81 0.90 16.13 5.59
N ASP A 82 1.55 16.76 6.54
CA ASP A 82 1.88 18.20 6.47
C ASP A 82 2.81 18.45 5.28
N LYS A 83 3.57 17.42 4.89
CA LYS A 83 4.49 17.54 3.75
C LYS A 83 3.81 17.09 2.48
N GLY A 84 2.53 16.79 2.58
CA GLY A 84 1.84 16.32 1.35
C GLY A 84 2.02 14.81 1.13
N ILE A 85 2.59 14.07 2.04
CA ILE A 85 2.73 12.59 1.87
C ILE A 85 1.39 11.95 2.25
N LYS A 86 0.83 11.08 1.43
CA LYS A 86 -0.45 10.41 1.77
C LYS A 86 -0.12 9.20 2.64
N VAL A 87 -0.91 8.89 3.64
CA VAL A 87 -0.73 7.80 4.58
C VAL A 87 -1.87 6.78 4.35
N ILE A 88 -1.46 5.60 3.95
CA ILE A 88 -2.31 4.47 3.62
C ILE A 88 -2.18 3.34 4.61
N LEU A 89 -3.34 2.76 4.98
CA LEU A 89 -3.33 1.64 5.92
C LEU A 89 -3.48 0.33 5.11
N SER A 90 -2.52 -0.56 5.38
CA SER A 90 -2.59 -1.88 4.75
C SER A 90 -3.53 -2.76 5.61
N ILE A 91 -4.23 -3.67 4.96
CA ILE A 91 -5.12 -4.66 5.54
C ILE A 91 -4.59 -6.03 5.08
N LEU A 92 -4.29 -6.92 5.99
CA LEU A 92 -3.75 -8.25 5.69
C LEU A 92 -4.54 -9.35 6.42
N GLY A 93 -4.61 -10.55 5.86
CA GLY A 93 -5.30 -11.67 6.55
C GLY A 93 -4.57 -11.92 7.88
N ASN A 94 -5.22 -12.61 8.81
CA ASN A 94 -4.68 -12.83 10.14
C ASN A 94 -5.11 -14.13 10.79
N HIS A 95 -4.94 -15.22 10.06
CA HIS A 95 -5.16 -16.57 10.56
C HIS A 95 -6.54 -16.98 11.00
N ASP A 96 -7.58 -16.36 10.50
CA ASP A 96 -8.94 -16.82 10.91
C ASP A 96 -9.72 -17.03 9.63
N ARG A 97 -11.02 -17.36 9.73
CA ARG A 97 -11.81 -17.61 8.54
C ARG A 97 -12.00 -16.44 7.61
N SER A 98 -11.78 -15.21 8.09
CA SER A 98 -12.01 -14.04 7.19
C SER A 98 -10.76 -13.64 6.44
N GLY A 99 -11.01 -12.98 5.32
CA GLY A 99 -9.93 -12.44 4.47
C GLY A 99 -10.48 -11.43 3.48
N ILE A 100 -9.57 -10.86 2.73
CA ILE A 100 -9.83 -9.89 1.68
C ILE A 100 -10.71 -10.44 0.56
N ALA A 101 -10.54 -11.77 0.29
CA ALA A 101 -11.20 -12.37 -0.85
C ALA A 101 -12.30 -13.37 -0.61
N ASN A 102 -12.94 -13.35 0.51
CA ASN A 102 -14.02 -14.35 0.75
C ASN A 102 -15.24 -13.72 1.40
N LEU A 103 -15.46 -12.40 1.30
CA LEU A 103 -16.66 -11.79 1.91
C LEU A 103 -17.86 -11.86 0.94
N SER A 104 -19.02 -12.12 1.56
CA SER A 104 -20.28 -12.13 0.76
C SER A 104 -20.54 -10.65 0.46
N THR A 105 -21.47 -10.35 -0.43
CA THR A 105 -21.76 -8.94 -0.74
C THR A 105 -22.13 -8.14 0.51
N ALA A 106 -23.01 -8.71 1.34
CA ALA A 106 -23.41 -7.98 2.56
C ALA A 106 -22.23 -7.67 3.49
N ARG A 107 -21.40 -8.67 3.74
CA ARG A 107 -20.20 -8.55 4.60
C ARG A 107 -19.23 -7.52 4.00
N ALA A 108 -19.04 -7.50 2.68
CA ALA A 108 -18.16 -6.53 2.02
C ALA A 108 -18.60 -5.09 2.27
N LYS A 109 -19.94 -4.88 2.23
CA LYS A 109 -20.56 -3.59 2.47
C LYS A 109 -20.27 -3.18 3.92
N ALA A 110 -20.46 -4.12 4.82
CA ALA A 110 -20.19 -3.89 6.23
C ALA A 110 -18.69 -3.62 6.48
N PHE A 111 -17.82 -4.37 5.87
CA PHE A 111 -16.36 -4.16 6.09
C PHE A 111 -15.89 -2.81 5.49
N ALA A 112 -16.40 -2.46 4.33
CA ALA A 112 -16.12 -1.17 3.69
C ALA A 112 -16.52 -0.02 4.63
N GLN A 113 -17.60 -0.24 5.41
CA GLN A 113 -18.07 0.76 6.40
C GLN A 113 -17.07 0.89 7.53
N GLU A 114 -16.55 -0.24 7.97
CA GLU A 114 -15.54 -0.32 9.01
C GLU A 114 -14.29 0.46 8.57
N LEU A 115 -13.89 0.23 7.33
CA LEU A 115 -12.72 0.84 6.73
C LEU A 115 -12.89 2.36 6.72
N LYS A 116 -14.10 2.72 6.32
CA LYS A 116 -14.45 4.15 6.24
C LYS A 116 -14.36 4.76 7.63
N ASN A 117 -14.89 4.11 8.63
CA ASN A 117 -14.84 4.56 10.02
C ASN A 117 -13.42 4.77 10.55
N THR A 118 -12.56 3.83 10.29
CA THR A 118 -11.15 3.81 10.66
C THR A 118 -10.41 4.97 9.97
N CYS A 119 -10.65 5.09 8.67
CA CYS A 119 -9.98 6.15 7.93
C CYS A 119 -10.41 7.52 8.46
N ASP A 120 -11.68 7.62 8.85
CA ASP A 120 -12.21 8.89 9.35
C ASP A 120 -11.62 9.17 10.74
N LEU A 121 -11.66 8.16 11.56
CA LEU A 121 -11.18 8.33 12.93
C LEU A 121 -9.72 8.81 12.97
N TYR A 122 -8.86 8.18 12.19
CA TYR A 122 -7.43 8.53 12.22
C TYR A 122 -6.97 9.40 11.08
N ASN A 123 -7.89 9.91 10.29
CA ASN A 123 -7.54 10.78 9.18
C ASN A 123 -6.54 10.12 8.21
N LEU A 124 -6.86 8.91 7.78
CA LEU A 124 -6.01 8.16 6.86
C LEU A 124 -6.43 8.49 5.45
N ASP A 125 -5.53 8.40 4.51
CA ASP A 125 -5.73 8.71 3.13
C ASP A 125 -6.23 7.56 2.27
N GLY A 126 -6.35 6.38 2.86
CA GLY A 126 -6.80 5.24 1.99
C GLY A 126 -6.26 3.94 2.57
N VAL A 127 -6.48 2.87 1.85
CA VAL A 127 -6.17 1.48 2.21
C VAL A 127 -5.42 0.75 1.11
N PHE A 128 -4.74 -0.30 1.53
CA PHE A 128 -4.02 -1.21 0.61
C PHE A 128 -4.49 -2.65 0.97
N PHE A 129 -4.94 -3.42 0.00
CA PHE A 129 -5.43 -4.79 0.25
C PHE A 129 -4.36 -5.81 -0.17
N ASP A 130 -4.05 -6.69 0.74
CA ASP A 130 -3.06 -7.77 0.56
C ASP A 130 -3.72 -9.06 1.07
N ASP A 131 -4.07 -9.92 0.13
CA ASP A 131 -4.69 -11.19 0.50
C ASP A 131 -3.65 -12.31 0.78
N GLU A 132 -3.24 -12.37 2.03
CA GLU A 132 -2.29 -13.32 2.57
C GLU A 132 -2.57 -13.57 4.06
N TYR A 133 -2.27 -14.80 4.45
CA TYR A 133 -2.36 -15.26 5.81
C TYR A 133 -3.72 -15.53 6.40
N SER A 134 -4.78 -15.48 5.64
CA SER A 134 -6.11 -15.78 6.22
C SER A 134 -6.12 -17.32 6.34
N ALA A 135 -6.94 -17.83 7.22
CA ALA A 135 -7.05 -19.32 7.34
C ALA A 135 -8.44 -19.66 6.78
N TYR A 136 -8.58 -19.55 5.49
CA TYR A 136 -9.85 -19.80 4.78
C TYR A 136 -10.34 -21.24 5.06
N GLN A 137 -11.63 -21.35 5.34
CA GLN A 137 -12.26 -22.63 5.66
C GLN A 137 -13.10 -23.16 4.48
N THR A 138 -13.13 -24.48 4.42
CA THR A 138 -13.91 -25.27 3.46
C THR A 138 -14.80 -26.24 4.28
N PRO A 139 -16.11 -26.21 4.09
CA PRO A 139 -16.84 -25.32 3.16
C PRO A 139 -16.85 -23.93 3.83
N PRO A 140 -17.22 -22.92 3.06
CA PRO A 140 -17.22 -21.54 3.59
C PRO A 140 -18.24 -21.38 4.69
N PRO A 141 -17.83 -20.80 5.80
CA PRO A 141 -18.75 -20.56 6.94
C PRO A 141 -19.82 -19.59 6.46
N SER A 142 -20.80 -19.38 7.33
CA SER A 142 -21.93 -18.49 7.06
C SER A 142 -21.57 -17.06 6.73
N GLY A 143 -22.01 -16.52 5.60
CA GLY A 143 -21.71 -15.15 5.22
C GLY A 143 -20.38 -14.96 4.49
N PHE A 144 -19.67 -16.03 4.27
CA PHE A 144 -18.39 -16.08 3.53
C PHE A 144 -18.66 -16.91 2.29
N VAL A 145 -17.83 -16.72 1.31
CA VAL A 145 -17.88 -17.41 0.01
C VAL A 145 -16.53 -18.11 -0.17
N THR A 146 -16.45 -18.84 -1.29
CA THR A 146 -15.20 -19.48 -1.66
C THR A 146 -14.29 -18.28 -2.08
N PRO A 147 -13.07 -18.30 -1.59
CA PRO A 147 -12.12 -17.21 -1.93
C PRO A 147 -11.97 -17.07 -3.43
N SER A 148 -12.10 -15.81 -3.89
CA SER A 148 -11.97 -15.59 -5.34
C SER A 148 -11.67 -14.11 -5.60
N ASN A 149 -11.12 -13.91 -6.78
CA ASN A 149 -10.79 -12.51 -7.14
C ASN A 149 -12.08 -11.70 -7.25
N ASN A 150 -13.16 -12.36 -7.60
CA ASN A 150 -14.45 -11.69 -7.75
C ASN A 150 -14.96 -11.18 -6.42
N ALA A 151 -14.76 -11.92 -5.39
CA ALA A 151 -15.18 -11.51 -4.03
C ALA A 151 -14.27 -10.35 -3.58
N ALA A 152 -12.99 -10.37 -3.94
CA ALA A 152 -12.03 -9.33 -3.62
C ALA A 152 -12.44 -8.02 -4.35
N ALA A 153 -12.81 -8.18 -5.63
CA ALA A 153 -13.25 -7.07 -6.47
C ALA A 153 -14.44 -6.38 -5.79
N ARG A 154 -15.37 -7.19 -5.26
CA ARG A 154 -16.56 -6.69 -4.59
C ARG A 154 -16.15 -5.80 -3.42
N LEU A 155 -15.21 -6.30 -2.61
CA LEU A 155 -14.73 -5.53 -1.47
C LEU A 155 -14.08 -4.21 -1.90
N ALA A 156 -13.23 -4.27 -2.91
CA ALA A 156 -12.54 -3.06 -3.41
C ALA A 156 -13.57 -2.04 -3.91
N TYR A 157 -14.54 -2.52 -4.65
CA TYR A 157 -15.62 -1.71 -5.17
C TYR A 157 -16.42 -1.05 -4.02
N GLU A 158 -16.84 -1.81 -3.03
CA GLU A 158 -17.62 -1.30 -1.91
C GLU A 158 -16.83 -0.30 -1.08
N THR A 159 -15.53 -0.51 -0.93
CA THR A 159 -14.65 0.39 -0.23
C THR A 159 -14.61 1.75 -0.95
N LYS A 160 -14.45 1.76 -2.25
CA LYS A 160 -14.42 3.00 -3.02
C LYS A 160 -15.75 3.74 -2.87
N GLN A 161 -16.84 2.99 -2.94
CA GLN A 161 -18.19 3.60 -2.82
C GLN A 161 -18.34 4.25 -1.47
N ALA A 162 -17.75 3.66 -0.43
CA ALA A 162 -17.85 4.16 0.92
C ALA A 162 -16.97 5.41 1.10
N MET A 163 -15.90 5.54 0.38
CA MET A 163 -14.99 6.68 0.54
C MET A 163 -14.35 7.04 -0.79
N PRO A 164 -15.20 7.63 -1.63
CA PRO A 164 -14.79 7.95 -3.01
C PRO A 164 -13.61 8.86 -3.16
N ASN A 165 -13.38 9.68 -2.17
CA ASN A 165 -12.29 10.67 -2.11
C ASN A 165 -10.98 10.07 -1.62
N LYS A 166 -10.99 8.86 -1.10
CA LYS A 166 -9.75 8.22 -0.57
C LYS A 166 -9.27 7.15 -1.54
N LEU A 167 -8.01 6.80 -1.33
CA LEU A 167 -7.32 5.84 -2.19
C LEU A 167 -7.68 4.37 -1.95
N VAL A 168 -7.91 3.63 -3.02
CA VAL A 168 -8.16 2.16 -2.85
C VAL A 168 -7.01 1.57 -3.71
N THR A 169 -6.16 0.80 -3.03
CA THR A 169 -4.96 0.24 -3.70
C THR A 169 -4.87 -1.23 -3.43
N VAL A 170 -4.35 -1.97 -4.41
CA VAL A 170 -4.32 -3.44 -4.24
C VAL A 170 -2.93 -3.96 -4.65
N TYR A 171 -2.68 -5.15 -4.18
CA TYR A 171 -1.42 -5.88 -4.45
C TYR A 171 -1.60 -6.75 -5.70
N VAL A 172 -0.64 -6.76 -6.59
CA VAL A 172 -0.76 -7.68 -7.78
C VAL A 172 -0.21 -9.02 -7.27
N TYR A 173 -1.08 -9.72 -6.57
CA TYR A 173 -0.68 -10.99 -5.95
C TYR A 173 -1.94 -11.73 -5.53
N SER A 174 -1.87 -13.02 -5.42
CA SER A 174 -3.00 -13.85 -4.99
C SER A 174 -4.32 -13.43 -5.58
N ARG A 175 -5.33 -13.26 -4.71
CA ARG A 175 -6.68 -12.95 -5.27
C ARG A 175 -6.95 -11.51 -5.56
N THR A 176 -5.95 -10.62 -5.42
CA THR A 176 -6.28 -9.21 -5.82
C THR A 176 -5.49 -8.91 -7.08
N SER A 177 -4.91 -9.94 -7.69
CA SER A 177 -4.05 -9.71 -8.87
C SER A 177 -4.75 -9.33 -10.12
N SER A 178 -6.05 -9.54 -10.19
CA SER A 178 -6.85 -9.18 -11.38
C SER A 178 -8.34 -9.14 -11.05
N PHE A 179 -9.03 -8.21 -11.64
CA PHE A 179 -10.51 -8.05 -11.44
C PHE A 179 -11.06 -7.88 -12.86
N PRO A 180 -11.15 -8.98 -13.58
CA PRO A 180 -11.58 -8.91 -14.98
C PRO A 180 -13.06 -8.76 -15.25
N THR A 181 -13.88 -9.02 -14.26
CA THR A 181 -15.34 -8.94 -14.34
C THR A 181 -15.88 -7.70 -13.65
N ALA A 182 -16.66 -6.93 -14.36
CA ALA A 182 -17.25 -5.69 -13.76
C ALA A 182 -18.04 -6.04 -12.51
N VAL A 183 -18.13 -5.10 -11.60
CA VAL A 183 -18.89 -5.24 -10.34
C VAL A 183 -20.07 -4.25 -10.51
N ASP A 184 -21.27 -4.79 -10.47
CA ASP A 184 -22.43 -3.84 -10.67
C ASP A 184 -22.20 -3.03 -11.94
N GLY A 185 -21.62 -3.62 -12.96
CA GLY A 185 -21.36 -2.97 -14.25
C GLY A 185 -20.30 -1.91 -14.25
N VAL A 186 -19.41 -1.88 -13.28
CA VAL A 186 -18.32 -0.86 -13.21
C VAL A 186 -17.02 -1.66 -13.39
N ASN A 187 -16.09 -1.07 -14.10
CA ASN A 187 -14.79 -1.73 -14.32
C ASN A 187 -13.80 -1.34 -13.20
N ALA A 188 -12.80 -2.18 -13.09
CA ALA A 188 -11.74 -2.07 -12.10
C ALA A 188 -11.15 -0.65 -12.05
N GLY A 189 -10.95 -0.10 -13.25
CA GLY A 189 -10.38 1.25 -13.35
C GLY A 189 -11.17 2.30 -12.64
N SER A 190 -12.44 2.01 -12.38
CA SER A 190 -13.31 2.94 -11.67
C SER A 190 -13.22 2.82 -10.16
N TYR A 191 -12.67 1.79 -9.58
CA TYR A 191 -12.58 1.73 -8.12
C TYR A 191 -11.15 1.46 -7.65
N VAL A 192 -10.26 1.05 -8.56
CA VAL A 192 -8.85 0.85 -8.07
C VAL A 192 -8.06 2.08 -8.47
N ASP A 193 -7.43 2.73 -7.48
CA ASP A 193 -6.60 3.90 -7.82
C ASP A 193 -5.17 3.44 -8.22
N TYR A 194 -4.63 2.53 -7.47
CA TYR A 194 -3.26 2.00 -7.78
C TYR A 194 -3.21 0.47 -7.56
N ALA A 195 -2.46 -0.16 -8.45
CA ALA A 195 -2.22 -1.63 -8.33
C ALA A 195 -0.68 -1.64 -8.19
N ILE A 196 -0.23 -2.33 -7.18
CA ILE A 196 1.18 -2.43 -6.85
C ILE A 196 1.76 -3.81 -7.14
N HIS A 197 2.75 -3.83 -8.02
CA HIS A 197 3.46 -5.08 -8.34
C HIS A 197 4.23 -5.64 -7.13
N ASP A 198 4.31 -6.96 -7.13
CA ASP A 198 5.13 -7.76 -6.19
C ASP A 198 6.59 -7.46 -6.65
N TYR A 199 7.54 -7.77 -5.82
CA TYR A 199 8.95 -7.47 -6.12
C TYR A 199 9.38 -7.90 -7.50
N GLY A 200 9.93 -6.97 -8.23
CA GLY A 200 10.43 -7.13 -9.57
C GLY A 200 9.37 -7.21 -10.65
N GLY A 201 8.09 -7.20 -10.32
CA GLY A 201 7.08 -7.33 -11.39
C GLY A 201 7.16 -6.10 -12.26
N SER A 202 7.06 -6.34 -13.58
CA SER A 202 7.13 -5.23 -14.54
C SER A 202 6.20 -5.31 -15.72
N TYR A 203 5.25 -6.22 -15.78
CA TYR A 203 4.33 -6.29 -16.94
C TYR A 203 3.23 -5.25 -16.78
N ASP A 204 2.69 -4.85 -17.90
CA ASP A 204 1.59 -3.92 -18.08
C ASP A 204 0.35 -4.53 -17.40
N LEU A 205 -0.41 -3.73 -16.69
CA LEU A 205 -1.59 -4.20 -15.94
C LEU A 205 -2.94 -3.90 -16.55
N ALA A 206 -3.03 -3.36 -17.72
CA ALA A 206 -4.29 -2.98 -18.39
C ALA A 206 -5.33 -4.05 -18.50
N THR A 207 -4.88 -5.28 -18.69
CA THR A 207 -5.87 -6.38 -18.84
C THR A 207 -6.20 -7.04 -17.55
N ASN A 208 -5.38 -6.87 -16.53
CA ASN A 208 -5.53 -7.37 -15.19
C ASN A 208 -6.65 -6.51 -14.49
N TYR A 209 -6.67 -5.23 -14.80
CA TYR A 209 -7.63 -4.26 -14.24
C TYR A 209 -8.15 -3.35 -15.35
N PRO A 210 -9.15 -3.85 -16.07
CA PRO A 210 -9.74 -3.10 -17.22
C PRO A 210 -10.06 -1.69 -16.84
N GLY A 211 -9.60 -0.72 -17.58
CA GLY A 211 -9.85 0.68 -17.30
C GLY A 211 -8.77 1.38 -16.49
N LEU A 212 -7.86 0.60 -15.93
CA LEU A 212 -6.75 1.19 -15.15
C LEU A 212 -5.76 1.83 -16.12
N ALA A 213 -5.51 3.11 -15.87
CA ALA A 213 -4.56 3.88 -16.69
C ALA A 213 -3.13 3.53 -16.26
N LYS A 214 -2.22 3.79 -17.18
CA LYS A 214 -0.79 3.58 -16.86
C LYS A 214 -0.39 4.35 -15.60
N SER A 215 -0.96 5.55 -15.34
CA SER A 215 -0.62 6.33 -14.13
C SER A 215 -1.00 5.66 -12.83
N GLY A 216 -1.82 4.62 -12.86
CA GLY A 216 -2.22 3.88 -11.66
C GLY A 216 -1.41 2.59 -11.48
N MET A 217 -0.41 2.34 -12.30
CA MET A 217 0.43 1.14 -12.26
C MET A 217 1.78 1.39 -11.57
N VAL A 218 2.01 0.68 -10.48
CA VAL A 218 3.26 0.78 -9.65
C VAL A 218 4.14 -0.42 -9.97
N MET A 219 5.27 -0.16 -10.59
CA MET A 219 6.15 -1.22 -11.10
C MET A 219 7.45 -1.48 -10.35
N SER A 220 7.96 -2.68 -10.56
CA SER A 220 9.22 -3.18 -10.11
C SER A 220 9.60 -2.88 -8.67
N SER A 221 8.77 -3.18 -7.72
CA SER A 221 8.94 -2.93 -6.31
C SER A 221 10.25 -3.60 -5.80
N GLN A 222 10.83 -2.92 -4.85
CA GLN A 222 12.10 -3.35 -4.23
C GLN A 222 11.80 -3.70 -2.80
N GLU A 223 12.59 -4.65 -2.33
CA GLU A 223 12.52 -5.16 -0.97
C GLU A 223 13.88 -4.85 -0.32
N PHE A 224 13.87 -3.84 0.49
CA PHE A 224 15.02 -3.28 1.18
C PHE A 224 15.47 -4.11 2.36
N ASN A 225 14.65 -5.00 2.90
CA ASN A 225 15.12 -5.84 4.03
C ASN A 225 15.88 -7.03 3.43
N GLN A 226 15.24 -7.71 2.51
CA GLN A 226 15.78 -8.88 1.80
C GLN A 226 16.86 -8.51 0.79
N GLY A 227 16.92 -7.26 0.40
CA GLY A 227 17.86 -6.81 -0.58
C GLY A 227 17.55 -7.28 -2.00
N ARG A 228 16.31 -7.12 -2.41
CA ARG A 228 15.81 -7.46 -3.76
C ARG A 228 15.64 -6.09 -4.42
N TYR A 229 16.65 -5.74 -5.21
CA TYR A 229 16.71 -4.42 -5.85
C TYR A 229 16.46 -4.42 -7.32
N ALA A 230 15.97 -3.28 -7.77
CA ALA A 230 15.67 -3.03 -9.18
C ALA A 230 16.97 -2.58 -9.88
N THR A 231 17.02 -2.85 -11.18
CA THR A 231 18.17 -2.42 -11.98
C THR A 231 17.87 -1.01 -12.50
N ALA A 232 18.91 -0.36 -12.99
CA ALA A 232 18.71 1.00 -13.55
C ALA A 232 17.76 0.87 -14.74
N GLN A 233 17.91 -0.23 -15.47
CA GLN A 233 17.10 -0.47 -16.67
C GLN A 233 15.62 -0.57 -16.32
N ALA A 234 15.30 -1.23 -15.24
CA ALA A 234 13.91 -1.39 -14.80
C ALA A 234 13.32 -0.03 -14.47
N LEU A 235 14.12 0.82 -13.84
CA LEU A 235 13.61 2.16 -13.46
C LEU A 235 13.42 3.00 -14.71
N ARG A 236 14.38 2.93 -15.63
CA ARG A 236 14.24 3.73 -16.87
C ARG A 236 12.99 3.32 -17.65
N ASN A 237 12.68 2.05 -17.58
CA ASN A 237 11.47 1.50 -18.25
C ASN A 237 10.18 2.16 -17.73
N ILE A 238 10.18 2.52 -16.45
CA ILE A 238 9.01 3.18 -15.86
C ILE A 238 8.77 4.55 -16.50
N VAL A 239 9.91 5.25 -16.65
CA VAL A 239 9.89 6.60 -17.26
C VAL A 239 9.52 6.53 -18.72
N THR A 240 10.19 5.63 -19.45
CA THR A 240 9.93 5.59 -20.91
C THR A 240 8.61 5.02 -21.32
N LYS A 241 8.02 4.15 -20.53
CA LYS A 241 6.71 3.62 -20.92
C LYS A 241 5.55 4.42 -20.37
N GLY A 242 5.82 5.36 -19.50
CA GLY A 242 4.86 6.20 -18.85
C GLY A 242 4.11 5.63 -17.66
N TYR A 243 4.68 4.72 -16.89
CA TYR A 243 3.99 4.15 -15.69
C TYR A 243 3.90 5.17 -14.57
N GLY A 244 2.97 5.04 -13.67
CA GLY A 244 2.78 6.00 -12.64
C GLY A 244 3.51 5.93 -11.35
N GLY A 245 4.11 4.79 -11.03
CA GLY A 245 4.81 4.73 -9.73
C GLY A 245 5.81 3.60 -9.62
N HIS A 246 6.38 3.60 -8.45
CA HIS A 246 7.42 2.65 -8.02
C HIS A 246 7.24 2.42 -6.54
N MET A 247 7.66 1.26 -6.05
CA MET A 247 7.50 0.94 -4.64
C MET A 247 8.77 0.39 -4.02
N ILE A 248 8.91 0.74 -2.74
CA ILE A 248 10.04 0.23 -1.93
C ILE A 248 9.42 -0.24 -0.63
N PHE A 249 9.83 -1.41 -0.21
CA PHE A 249 9.34 -2.05 0.99
C PHE A 249 10.44 -2.20 2.04
N ALA A 250 10.08 -1.79 3.23
CA ALA A 250 10.86 -1.82 4.44
C ALA A 250 12.14 -0.98 4.48
N MET A 251 12.13 0.24 3.98
CA MET A 251 13.33 1.11 4.07
C MET A 251 13.55 1.36 5.57
N ASP A 252 14.77 1.38 6.04
CA ASP A 252 15.05 1.65 7.50
C ASP A 252 16.53 2.02 7.61
N PRO A 253 16.80 3.29 7.82
CA PRO A 253 18.20 3.79 7.92
C PRO A 253 18.91 3.18 9.10
N ASN A 254 18.24 2.52 10.01
CA ASN A 254 18.89 1.92 11.17
C ASN A 254 19.38 0.51 10.89
N ARG A 255 19.01 -0.07 9.78
CA ARG A 255 19.44 -1.45 9.50
C ARG A 255 20.87 -1.43 8.97
N SER A 256 21.59 -2.51 9.31
CA SER A 256 23.00 -2.68 8.90
C SER A 256 23.21 -2.54 7.42
N ASN A 257 22.26 -2.86 6.53
CA ASN A 257 22.45 -2.75 5.09
C ASN A 257 22.14 -1.38 4.49
N PHE A 258 21.90 -0.37 5.31
CA PHE A 258 21.53 0.96 4.76
C PHE A 258 22.59 1.55 3.87
N THR A 259 23.81 1.72 4.39
CA THR A 259 24.90 2.30 3.61
C THR A 259 25.26 1.48 2.39
N SER A 260 25.40 0.18 2.54
CA SER A 260 25.78 -0.67 1.44
C SER A 260 24.67 -1.01 0.46
N GLY A 261 23.43 -1.09 0.93
CA GLY A 261 22.38 -1.49 -0.04
C GLY A 261 21.28 -0.47 -0.28
N GLN A 262 20.70 -0.01 0.82
CA GLN A 262 19.55 0.94 0.71
C GLN A 262 19.88 2.24 0.03
N LEU A 263 20.84 2.94 0.60
CA LEU A 263 21.30 4.28 0.07
C LEU A 263 21.63 4.27 -1.38
N PRO A 264 22.46 3.37 -1.89
CA PRO A 264 22.74 3.30 -3.33
C PRO A 264 21.44 3.13 -4.12
N ALA A 265 20.46 2.39 -3.55
CA ALA A 265 19.20 2.19 -4.33
C ALA A 265 18.37 3.49 -4.41
N LEU A 266 18.35 4.18 -3.27
CA LEU A 266 17.61 5.45 -3.16
C LEU A 266 18.23 6.51 -4.06
N LYS A 267 19.55 6.46 -4.18
CA LYS A 267 20.23 7.42 -5.10
C LYS A 267 19.92 7.12 -6.54
N LEU A 268 19.74 5.82 -6.83
CA LEU A 268 19.43 5.39 -8.20
C LEU A 268 18.04 5.81 -8.61
N ILE A 269 17.13 5.74 -7.63
CA ILE A 269 15.73 6.20 -7.84
C ILE A 269 15.72 7.71 -8.10
N ALA A 270 16.39 8.49 -7.26
CA ALA A 270 16.43 9.96 -7.48
C ALA A 270 16.92 10.30 -8.89
N LYS A 271 17.99 9.65 -9.32
CA LYS A 271 18.58 9.85 -10.62
C LYS A 271 17.70 9.40 -11.80
N GLU A 272 17.36 8.13 -11.82
CA GLU A 272 16.61 7.59 -12.92
C GLU A 272 15.15 8.00 -13.01
N LEU A 273 14.45 8.06 -11.90
CA LEU A 273 13.03 8.42 -11.94
C LEU A 273 12.76 9.93 -12.01
N TYR A 274 13.55 10.62 -11.21
CA TYR A 274 13.35 12.07 -11.08
C TYR A 274 14.42 12.91 -11.70
N GLY A 275 15.49 12.37 -12.22
CA GLY A 275 16.61 13.10 -12.83
C GLY A 275 17.12 14.17 -11.89
N ASP A 276 17.31 13.79 -10.64
CA ASP A 276 17.73 14.78 -9.62
C ASP A 276 18.72 14.09 -8.70
N GLU A 277 18.99 14.73 -7.58
CA GLU A 277 19.98 14.12 -6.67
C GLU A 277 19.37 14.03 -5.29
N LEU A 278 19.68 12.94 -4.59
CA LEU A 278 19.17 12.65 -3.29
C LEU A 278 19.92 13.37 -2.16
N VAL A 279 19.13 13.84 -1.22
CA VAL A 279 19.65 14.46 -0.01
C VAL A 279 19.01 13.69 1.17
N TYR A 280 19.93 13.10 1.91
CA TYR A 280 19.70 12.32 3.11
C TYR A 280 20.03 13.20 4.32
N SER A 281 19.06 13.45 5.17
CA SER A 281 19.14 14.30 6.33
C SER A 281 20.01 13.78 7.45
N ASN A 282 19.91 12.50 7.77
CA ASN A 282 20.71 11.89 8.84
C ASN A 282 20.10 12.31 10.19
N THR A 283 18.80 12.10 10.24
CA THR A 283 17.96 12.39 11.41
C THR A 283 17.51 11.04 11.96
N PRO A 284 17.75 10.83 13.24
CA PRO A 284 17.40 9.54 13.85
C PRO A 284 15.95 9.49 14.24
N TYR A 285 15.34 8.43 13.79
CA TYR A 285 13.94 8.15 14.14
C TYR A 285 13.98 6.65 14.52
N SER A 286 13.88 6.43 15.81
CA SER A 286 13.93 5.03 16.29
C SER A 286 12.51 4.64 16.72
N LYS A 287 12.33 3.33 16.80
CA LYS A 287 11.03 2.78 17.26
C LYS A 287 11.05 3.11 18.75
N ASP A 288 10.41 4.20 19.10
CA ASP A 288 10.39 4.69 20.49
C ASP A 288 9.18 4.20 21.27
N TRP A 289 8.83 2.97 21.01
CA TRP A 289 7.69 2.24 21.60
C TRP A 289 8.00 0.73 21.56
ZN ZN B . 0.69 -14.08 12.32
#